data_5SD0
#
_entry.id   5SD0
#
_cell.length_a   29.480
_cell.length_b   67.130
_cell.length_c   72.140
_cell.angle_alpha   90.000
_cell.angle_beta   90.000
_cell.angle_gamma   90.000
#
_symmetry.space_group_name_H-M   'P 21 21 21'
#
loop_
_entity.id
_entity.type
_entity.pdbx_description
1 polymer 'Dihydrofolate reductase'
2 non-polymer 'NADP NICOTINAMIDE-ADENINE-DINUCLEOTIDE PHOSPHATE'
3 non-polymer 3-(2-{3-[(2,4-diamino-6-ethylpyrimidin-5-yl)oxy]propoxy}pyridin-3-yl)propan-1-ol
4 non-polymer 'CHLORIDE ION'
5 non-polymer 1,2-ETHANEDIOL
6 non-polymer 'FORMIC ACID'
7 water water
#
_entity_poly.entity_id   1
_entity_poly.type   'polypeptide(L)'
_entity_poly.pdbx_seq_one_letter_code
;MGSSHHHHHHSSGLVPRGSHMVGLIWAQATSGVIGRGGDIPWRLPEDQAHFREITMGHTIVMGRRTWDSLPAKVRPLPGR
RNVVLSRQADFMASGAEVVGSLEEALTSPETWVIGGGQVYALALPYATRCEVTEVDIGLPREAGDALAPVLDETWRGETG
EWRFSRSGLRYRLYSYHRS
;
_entity_poly.pdbx_strand_id   A
#
# COMPACT_ATOMS: atom_id res chain seq x y z
N LEU A 14 -7.33 -13.35 14.27
CA LEU A 14 -8.46 -12.43 14.39
C LEU A 14 -8.00 -11.07 14.93
N VAL A 15 -8.79 -10.03 14.67
CA VAL A 15 -8.46 -8.67 15.10
C VAL A 15 -9.45 -8.27 16.19
N PRO A 16 -9.03 -8.17 17.45
CA PRO A 16 -9.93 -7.66 18.49
C PRO A 16 -10.31 -6.22 18.22
N ARG A 17 -11.56 -5.86 18.57
CA ARG A 17 -12.04 -4.55 18.15
C ARG A 17 -11.40 -3.42 18.94
N GLY A 18 -10.76 -3.72 20.06
CA GLY A 18 -10.05 -2.75 20.85
C GLY A 18 -8.59 -2.58 20.51
N SER A 19 -8.06 -3.35 19.55
CA SER A 19 -6.67 -3.20 19.14
C SER A 19 -6.54 -2.20 18.01
N HIS A 20 -5.32 -2.00 17.53
CA HIS A 20 -5.06 -1.12 16.37
C HIS A 20 -4.03 -1.85 15.52
N MET A 21 -4.52 -2.72 14.65
CA MET A 21 -3.65 -3.49 13.77
CA MET A 21 -3.64 -3.48 13.78
C MET A 21 -3.33 -2.65 12.53
N VAL A 22 -2.06 -2.62 12.16
CA VAL A 22 -1.59 -1.82 11.03
C VAL A 22 -0.91 -2.76 10.06
N GLY A 23 -1.42 -2.81 8.83
CA GLY A 23 -0.77 -3.55 7.76
C GLY A 23 -0.35 -2.61 6.65
N LEU A 24 0.67 -3.02 5.90
CA LEU A 24 1.08 -2.35 4.66
C LEU A 24 0.79 -3.26 3.48
N ILE A 25 0.32 -2.68 2.37
CA ILE A 25 0.09 -3.45 1.16
C ILE A 25 0.63 -2.64 -0.02
N TRP A 26 1.45 -3.29 -0.86
CA TRP A 26 2.00 -2.60 -2.03
C TRP A 26 2.31 -3.60 -3.12
N ALA A 27 2.50 -3.10 -4.34
CA ALA A 27 2.96 -3.89 -5.46
C ALA A 27 4.28 -3.30 -5.94
N GLN A 28 5.27 -4.16 -6.20
CA GLN A 28 6.58 -3.69 -6.60
C GLN A 28 7.08 -4.47 -7.80
N ALA A 29 7.92 -3.82 -8.60
CA ALA A 29 8.77 -4.58 -9.51
C ALA A 29 9.84 -5.32 -8.70
N THR A 30 10.56 -6.23 -9.36
CA THR A 30 11.59 -6.98 -8.65
C THR A 30 12.70 -6.07 -8.13
N SER A 31 12.87 -4.90 -8.75
CA SER A 31 13.84 -3.91 -8.32
C SER A 31 13.42 -3.17 -7.05
N GLY A 32 12.17 -3.31 -6.61
CA GLY A 32 11.65 -2.51 -5.51
C GLY A 32 10.94 -1.24 -5.92
N VAL A 33 10.92 -0.90 -7.21
CA VAL A 33 10.20 0.28 -7.66
C VAL A 33 8.70 0.10 -7.45
N ILE A 34 8.05 1.08 -6.83
CA ILE A 34 6.60 1.07 -6.73
C ILE A 34 5.94 2.22 -7.48
N GLY A 35 6.64 3.30 -7.77
CA GLY A 35 6.01 4.45 -8.41
C GLY A 35 7.02 5.25 -9.19
N ARG A 36 6.54 5.88 -10.26
CA ARG A 36 7.40 6.67 -11.13
C ARG A 36 6.52 7.69 -11.83
N GLY A 37 6.97 8.94 -11.85
CA GLY A 37 6.23 9.99 -12.55
C GLY A 37 4.79 10.14 -12.12
N GLY A 38 4.52 9.98 -10.82
CA GLY A 38 3.17 10.16 -10.31
C GLY A 38 2.20 9.06 -10.64
N ASP A 39 2.68 7.87 -10.94
CA ASP A 39 1.84 6.74 -11.34
C ASP A 39 2.54 5.46 -10.94
N ILE A 40 1.87 4.33 -11.15
CA ILE A 40 2.49 3.00 -11.05
C ILE A 40 2.91 2.60 -12.46
N PRO A 41 4.18 2.26 -12.70
CA PRO A 41 4.66 2.06 -14.08
C PRO A 41 4.36 0.68 -14.66
N TRP A 42 3.26 0.06 -14.24
CA TRP A 42 2.72 -1.13 -14.89
C TRP A 42 1.24 -1.20 -14.53
N ARG A 43 0.53 -2.12 -15.16
CA ARG A 43 -0.84 -2.44 -14.76
C ARG A 43 -0.96 -3.96 -14.68
N LEU A 44 -1.54 -4.46 -13.60
CA LEU A 44 -1.67 -5.89 -13.37
C LEU A 44 -3.04 -6.14 -12.75
N PRO A 45 -4.02 -6.58 -13.54
CA PRO A 45 -5.37 -6.82 -12.99
C PRO A 45 -5.39 -7.74 -11.79
N GLU A 46 -4.58 -8.81 -11.80
CA GLU A 46 -4.52 -9.70 -10.65
C GLU A 46 -4.12 -8.93 -9.40
N ASP A 47 -3.28 -7.91 -9.55
CA ASP A 47 -2.87 -7.17 -8.38
C ASP A 47 -3.98 -6.27 -7.87
N GLN A 48 -4.72 -5.63 -8.78
CA GLN A 48 -5.80 -4.78 -8.30
C GLN A 48 -6.88 -5.61 -7.63
N ALA A 49 -7.19 -6.81 -8.16
CA ALA A 49 -8.15 -7.69 -7.50
C ALA A 49 -7.66 -8.09 -6.11
N HIS A 50 -6.38 -8.42 -5.99
CA HIS A 50 -5.80 -8.79 -4.69
C HIS A 50 -5.86 -7.63 -3.70
N PHE A 51 -5.49 -6.44 -4.16
CA PHE A 51 -5.57 -5.24 -3.32
C PHE A 51 -6.99 -5.03 -2.81
N ARG A 52 -7.99 -5.17 -3.68
CA ARG A 52 -9.37 -5.04 -3.23
C ARG A 52 -9.73 -6.12 -2.21
N GLU A 53 -9.34 -7.36 -2.46
CA GLU A 53 -9.74 -8.43 -1.55
C GLU A 53 -9.22 -8.19 -0.14
N ILE A 54 -7.98 -7.69 -0.03
CA ILE A 54 -7.36 -7.47 1.28
C ILE A 54 -7.97 -6.26 1.98
N THR A 55 -8.18 -5.16 1.26
CA THR A 55 -8.48 -3.90 1.92
C THR A 55 -9.96 -3.65 2.14
N MET A 56 -10.84 -4.36 1.42
CA MET A 56 -12.25 -4.01 1.42
C MET A 56 -12.83 -4.08 2.83
N GLY A 57 -13.62 -3.05 3.17
CA GLY A 57 -14.26 -2.99 4.47
C GLY A 57 -13.42 -2.35 5.55
N HIS A 58 -12.14 -2.07 5.30
CA HIS A 58 -11.25 -1.52 6.30
C HIS A 58 -10.90 -0.07 5.98
N THR A 59 -10.30 0.62 6.96
CA THR A 59 -9.72 1.93 6.72
C THR A 59 -8.47 1.78 5.86
N ILE A 60 -8.31 2.66 4.87
CA ILE A 60 -7.08 2.73 4.08
C ILE A 60 -6.47 4.11 4.28
N VAL A 61 -5.15 4.12 4.47
CA VAL A 61 -4.39 5.34 4.72
C VAL A 61 -3.41 5.52 3.58
N MET A 62 -3.38 6.70 3.00
CA MET A 62 -2.48 6.95 1.87
C MET A 62 -1.82 8.30 2.02
N GLY A 63 -0.63 8.44 1.44
CA GLY A 63 -0.02 9.75 1.33
C GLY A 63 -0.72 10.64 0.31
N ARG A 64 -0.56 11.95 0.51
CA ARG A 64 -1.20 12.93 -0.35
C ARG A 64 -0.84 12.69 -1.82
N ARG A 65 0.41 12.32 -2.10
CA ARG A 65 0.80 12.09 -3.49
C ARG A 65 0.09 10.87 -4.08
N THR A 66 -0.24 9.88 -3.25
CA THR A 66 -1.00 8.72 -3.73
C THR A 66 -2.45 9.12 -4.01
N TRP A 67 -3.05 9.94 -3.13
CA TRP A 67 -4.37 10.47 -3.43
C TRP A 67 -4.35 11.21 -4.76
N ASP A 68 -3.35 12.08 -4.97
CA ASP A 68 -3.21 12.80 -6.25
C ASP A 68 -3.11 11.86 -7.44
N SER A 69 -2.53 10.66 -7.26
CA SER A 69 -2.32 9.77 -8.39
C SER A 69 -3.60 9.06 -8.81
N LEU A 70 -4.61 9.07 -7.98
CA LEU A 70 -5.90 8.44 -8.30
C LEU A 70 -6.72 9.40 -9.15
N PRO A 71 -7.26 8.97 -10.29
CA PRO A 71 -8.14 9.86 -11.06
C PRO A 71 -9.28 10.34 -10.19
N ALA A 72 -9.68 11.61 -10.40
CA ALA A 72 -10.70 12.22 -9.56
C ALA A 72 -11.97 11.39 -9.56
N LYS A 73 -12.32 10.80 -10.70
CA LYS A 73 -13.59 10.09 -10.77
C LYS A 73 -13.61 8.83 -9.91
N VAL A 74 -12.45 8.26 -9.57
CA VAL A 74 -12.45 6.99 -8.83
C VAL A 74 -12.26 7.17 -7.34
N ARG A 75 -11.90 8.37 -6.87
CA ARG A 75 -11.59 8.58 -5.46
C ARG A 75 -12.72 9.33 -4.75
N PRO A 76 -12.97 9.06 -3.46
CA PRO A 76 -12.30 8.09 -2.60
C PRO A 76 -12.59 6.67 -3.04
N LEU A 77 -11.68 5.75 -2.77
CA LEU A 77 -11.88 4.37 -3.21
C LEU A 77 -13.05 3.78 -2.43
N PRO A 78 -14.00 3.12 -3.09
CA PRO A 78 -15.24 2.74 -2.42
C PRO A 78 -15.08 1.54 -1.52
N GLY A 79 -16.00 1.44 -0.56
CA GLY A 79 -16.05 0.30 0.34
C GLY A 79 -15.06 0.36 1.48
N ARG A 80 -14.34 1.47 1.62
CA ARG A 80 -13.25 1.65 2.56
C ARG A 80 -13.25 3.08 3.06
N ARG A 81 -12.96 3.27 4.34
CA ARG A 81 -12.76 4.61 4.87
C ARG A 81 -11.41 5.14 4.37
N ASN A 82 -11.45 6.22 3.60
CA ASN A 82 -10.23 6.79 3.00
C ASN A 82 -9.68 7.88 3.92
N VAL A 83 -8.38 7.75 4.27
CA VAL A 83 -7.68 8.75 5.06
C VAL A 83 -6.42 9.15 4.30
N VAL A 84 -6.18 10.45 4.17
CA VAL A 84 -5.02 10.94 3.43
C VAL A 84 -4.10 11.70 4.38
N LEU A 85 -2.80 11.40 4.29
CA LEU A 85 -1.81 12.12 5.11
C LEU A 85 -1.26 13.33 4.34
N SER A 86 -1.32 14.51 4.96
CA SER A 86 -0.72 15.71 4.41
C SER A 86 -0.25 16.61 5.54
N ARG A 87 0.83 17.34 5.30
CA ARG A 87 1.29 18.39 6.20
C ARG A 87 0.79 19.77 5.79
N GLN A 88 0.09 19.87 4.67
CA GLN A 88 -0.40 21.14 4.16
C GLN A 88 -1.78 21.43 4.76
N ALA A 89 -1.89 22.53 5.48
CA ALA A 89 -3.14 22.83 6.15
C ALA A 89 -4.28 23.10 5.18
N ASP A 90 -3.98 23.41 3.92
CA ASP A 90 -5.01 23.73 2.94
C ASP A 90 -5.22 22.63 1.90
N PHE A 91 -4.57 21.47 2.06
CA PHE A 91 -4.87 20.36 1.17
C PHE A 91 -6.18 19.70 1.61
N MET A 92 -7.09 19.48 0.66
CA MET A 92 -8.38 18.89 0.93
C MET A 92 -8.63 17.73 -0.03
N ALA A 93 -9.25 16.68 0.47
CA ALA A 93 -9.55 15.46 -0.29
C ALA A 93 -11.05 15.23 -0.23
N SER A 94 -11.77 15.61 -1.28
CA SER A 94 -13.21 15.48 -1.27
C SER A 94 -13.62 14.03 -1.08
N GLY A 95 -14.52 13.79 -0.12
CA GLY A 95 -15.00 12.47 0.21
C GLY A 95 -14.18 11.73 1.23
N ALA A 96 -13.01 12.25 1.61
CA ALA A 96 -12.06 11.57 2.47
C ALA A 96 -11.61 12.50 3.61
N GLU A 97 -10.92 11.95 4.59
CA GLU A 97 -10.38 12.72 5.71
C GLU A 97 -8.89 12.95 5.51
N VAL A 98 -8.45 14.19 5.66
CA VAL A 98 -7.04 14.55 5.62
C VAL A 98 -6.55 14.75 7.05
N VAL A 99 -5.50 14.02 7.45
CA VAL A 99 -4.89 14.20 8.76
C VAL A 99 -3.39 14.45 8.58
N GLY A 100 -2.80 15.04 9.61
CA GLY A 100 -1.42 15.44 9.56
C GLY A 100 -0.43 14.49 10.21
N SER A 101 -0.87 13.32 10.67
CA SER A 101 0.05 12.39 11.31
C SER A 101 -0.51 10.98 11.26
N LEU A 102 0.37 10.01 11.48
CA LEU A 102 -0.07 8.62 11.60
C LEU A 102 -0.91 8.40 12.83
N GLU A 103 -0.63 9.13 13.91
CA GLU A 103 -1.42 8.96 15.14
C GLU A 103 -2.88 9.27 14.88
N GLU A 104 -3.17 10.30 14.08
CA GLU A 104 -4.56 10.61 13.74
C GLU A 104 -5.12 9.60 12.75
N ALA A 105 -4.26 9.02 11.91
CA ALA A 105 -4.73 8.16 10.83
C ALA A 105 -5.03 6.75 11.30
N LEU A 106 -4.42 6.31 12.40
CA LEU A 106 -4.49 4.90 12.78
C LEU A 106 -5.37 4.69 14.00
N THR A 107 -6.63 5.11 13.93
CA THR A 107 -7.54 4.93 15.06
C THR A 107 -8.52 3.78 14.86
N SER A 108 -8.59 3.19 13.66
CA SER A 108 -9.48 2.06 13.43
C SER A 108 -8.88 0.77 13.97
N PRO A 109 -9.71 -0.26 14.21
CA PRO A 109 -9.15 -1.54 14.67
C PRO A 109 -8.24 -2.20 13.65
N GLU A 110 -8.51 -2.03 12.36
CA GLU A 110 -7.68 -2.61 11.31
C GLU A 110 -7.47 -1.55 10.24
N THR A 111 -6.22 -1.23 9.94
CA THR A 111 -5.88 -0.19 8.99
C THR A 111 -4.90 -0.75 7.99
N TRP A 112 -5.13 -0.45 6.72
CA TRP A 112 -4.19 -0.81 5.66
C TRP A 112 -3.59 0.47 5.10
N VAL A 113 -2.25 0.57 5.21
CA VAL A 113 -1.50 1.65 4.59
C VAL A 113 -1.23 1.25 3.15
N ILE A 114 -1.70 2.07 2.21
CA ILE A 114 -1.75 1.70 0.80
C ILE A 114 -0.79 2.53 -0.03
N GLY A 115 0.15 3.23 0.60
CA GLY A 115 1.25 3.89 -0.07
C GLY A 115 1.19 5.39 0.12
N GLY A 116 2.16 6.08 -0.49
CA GLY A 116 3.21 5.48 -1.31
C GLY A 116 4.54 5.35 -0.56
N GLY A 117 5.65 5.65 -1.24
CA GLY A 117 6.95 5.31 -0.69
C GLY A 117 7.23 6.00 0.64
N GLN A 118 6.91 7.29 0.73
CA GLN A 118 7.15 8.02 1.97
C GLN A 118 6.32 7.47 3.12
N VAL A 119 5.04 7.19 2.86
CA VAL A 119 4.16 6.78 3.94
C VAL A 119 4.41 5.33 4.37
N TYR A 120 4.82 4.44 3.47
CA TYR A 120 5.24 3.11 3.90
C TYR A 120 6.37 3.20 4.91
N ALA A 121 7.41 3.97 4.58
CA ALA A 121 8.54 4.07 5.49
C ALA A 121 8.10 4.67 6.83
N LEU A 122 7.20 5.65 6.77
CA LEU A 122 6.70 6.29 7.98
C LEU A 122 5.95 5.31 8.87
N ALA A 123 5.15 4.43 8.27
CA ALA A 123 4.23 3.58 8.99
C ALA A 123 4.85 2.28 9.45
N LEU A 124 5.95 1.86 8.82
CA LEU A 124 6.52 0.54 9.11
C LEU A 124 6.80 0.30 10.59
N PRO A 125 7.26 1.27 11.40
CA PRO A 125 7.51 0.97 12.82
C PRO A 125 6.29 0.50 13.59
N TYR A 126 5.09 0.80 13.10
CA TYR A 126 3.84 0.41 13.76
C TYR A 126 3.20 -0.83 13.15
N ALA A 127 3.71 -1.32 12.02
CA ALA A 127 3.04 -2.36 11.26
C ALA A 127 3.44 -3.75 11.73
N THR A 128 2.50 -4.69 11.63
CA THR A 128 2.74 -6.09 11.97
C THR A 128 2.48 -7.03 10.80
N ARG A 129 1.99 -6.50 9.67
CA ARG A 129 1.73 -7.31 8.49
C ARG A 129 2.11 -6.51 7.25
N CYS A 130 2.72 -7.17 6.28
CA CYS A 130 2.88 -6.61 4.94
C CYS A 130 2.35 -7.61 3.93
N GLU A 131 1.59 -7.13 2.96
CA GLU A 131 1.10 -7.95 1.86
C GLU A 131 1.68 -7.39 0.58
N VAL A 132 2.51 -8.18 -0.10
CA VAL A 132 3.28 -7.68 -1.23
C VAL A 132 2.88 -8.43 -2.49
N THR A 133 2.71 -7.70 -3.59
CA THR A 133 2.71 -8.27 -4.92
C THR A 133 4.02 -7.89 -5.60
N GLU A 134 4.76 -8.86 -6.08
CA GLU A 134 5.98 -8.59 -6.83
C GLU A 134 5.75 -8.96 -8.28
N VAL A 135 6.03 -8.02 -9.18
CA VAL A 135 5.80 -8.19 -10.61
C VAL A 135 7.15 -8.37 -11.27
N ASP A 136 7.28 -9.41 -12.09
CA ASP A 136 8.56 -9.77 -12.69
C ASP A 136 8.77 -8.95 -13.97
N ILE A 137 8.77 -7.64 -13.81
CA ILE A 137 9.05 -6.75 -14.92
C ILE A 137 10.36 -6.04 -14.59
N GLY A 138 11.24 -5.95 -15.59
CA GLY A 138 12.54 -5.36 -15.36
C GLY A 138 12.50 -3.84 -15.38
N LEU A 139 12.19 -3.23 -14.24
CA LEU A 139 12.13 -1.77 -14.13
C LEU A 139 13.20 -1.28 -13.17
N PRO A 140 14.39 -0.96 -13.66
CA PRO A 140 15.47 -0.53 -12.74
C PRO A 140 15.14 0.76 -12.03
N ARG A 141 15.74 0.95 -10.86
CA ARG A 141 15.46 2.13 -10.06
C ARG A 141 16.00 3.38 -10.74
N GLU A 142 15.16 4.40 -10.83
CA GLU A 142 15.57 5.68 -11.40
C GLU A 142 15.44 6.76 -10.34
N ALA A 143 16.24 7.81 -10.49
CA ALA A 143 16.18 8.93 -9.56
C ALA A 143 14.77 9.49 -9.51
N GLY A 144 14.26 9.69 -8.30
CA GLY A 144 12.91 10.17 -8.12
C GLY A 144 11.85 9.10 -7.92
N ASP A 145 12.17 7.83 -8.17
CA ASP A 145 11.18 6.78 -8.01
C ASP A 145 10.73 6.65 -6.56
N ALA A 146 9.49 6.19 -6.39
CA ALA A 146 9.04 5.73 -5.09
C ALA A 146 9.39 4.25 -4.98
N LEU A 147 9.88 3.85 -3.81
CA LEU A 147 10.39 2.50 -3.58
C LEU A 147 9.65 1.83 -2.43
N ALA A 148 9.62 0.51 -2.47
CA ALA A 148 9.03 -0.29 -1.42
C ALA A 148 9.86 -0.16 -0.14
N PRO A 149 9.25 -0.31 1.03
CA PRO A 149 10.04 -0.28 2.26
C PRO A 149 10.90 -1.52 2.36
N VAL A 150 12.08 -1.35 2.93
CA VAL A 150 12.95 -2.49 3.20
C VAL A 150 12.55 -3.08 4.55
N LEU A 151 12.52 -4.42 4.63
CA LEU A 151 12.09 -5.12 5.83
C LEU A 151 13.29 -5.78 6.49
N ASP A 152 13.51 -5.49 7.77
CA ASP A 152 14.64 -6.02 8.49
C ASP A 152 14.34 -7.44 8.99
N GLU A 153 15.25 -7.96 9.81
CA GLU A 153 15.15 -9.35 10.24
C GLU A 153 14.10 -9.60 11.30
N THR A 154 13.43 -8.56 11.83
CA THR A 154 12.30 -8.83 12.71
C THR A 154 11.07 -9.29 11.94
N TRP A 155 11.07 -9.17 10.62
CA TRP A 155 9.98 -9.65 9.79
C TRP A 155 10.25 -11.08 9.35
N ARG A 156 9.20 -11.89 9.31
CA ARG A 156 9.29 -13.21 8.68
C ARG A 156 8.26 -13.26 7.57
N GLY A 157 8.66 -13.84 6.44
CA GLY A 157 7.88 -13.75 5.23
C GLY A 157 7.49 -15.11 4.69
N GLU A 158 6.37 -15.15 3.98
CA GLU A 158 5.96 -16.28 3.17
C GLU A 158 5.97 -15.83 1.72
N THR A 159 6.74 -16.53 0.89
CA THR A 159 6.87 -16.19 -0.53
C THR A 159 6.11 -17.22 -1.35
N GLY A 160 5.14 -16.75 -2.14
CA GLY A 160 4.46 -17.63 -3.06
C GLY A 160 5.32 -17.98 -4.25
N GLU A 161 4.99 -19.09 -4.89
CA GLU A 161 5.62 -19.41 -6.15
C GLU A 161 5.22 -18.38 -7.22
N TRP A 162 6.04 -18.30 -8.26
CA TRP A 162 5.74 -17.43 -9.39
C TRP A 162 4.45 -17.89 -10.07
N ARG A 163 3.53 -16.95 -10.30
CA ARG A 163 2.31 -17.15 -11.06
C ARG A 163 2.38 -16.36 -12.36
N PHE A 164 1.40 -16.55 -13.24
CA PHE A 164 1.43 -15.93 -14.56
C PHE A 164 0.12 -15.19 -14.78
N SER A 165 0.21 -13.91 -15.08
CA SER A 165 -0.97 -13.08 -15.26
CA SER A 165 -0.96 -13.07 -15.26
C SER A 165 -1.55 -13.24 -16.66
N ARG A 166 -2.84 -12.92 -16.79
CA ARG A 166 -3.45 -12.88 -18.11
C ARG A 166 -2.73 -11.90 -19.02
N SER A 167 -2.17 -10.83 -18.47
CA SER A 167 -1.44 -9.85 -19.28
C SER A 167 -0.02 -10.27 -19.59
N GLY A 168 0.39 -11.50 -19.24
CA GLY A 168 1.67 -12.00 -19.69
C GLY A 168 2.87 -11.61 -18.85
N LEU A 169 2.66 -11.24 -17.60
CA LEU A 169 3.74 -10.97 -16.64
C LEU A 169 3.73 -12.03 -15.55
N ARG A 170 4.92 -12.49 -15.16
CA ARG A 170 5.01 -13.28 -13.94
C ARG A 170 4.82 -12.37 -12.74
N TYR A 171 4.22 -12.93 -11.69
CA TYR A 171 4.05 -12.19 -10.44
C TYR A 171 3.98 -13.20 -9.30
N ARG A 172 4.28 -12.72 -8.10
CA ARG A 172 4.15 -13.59 -6.94
C ARG A 172 3.77 -12.74 -5.73
N LEU A 173 3.17 -13.39 -4.75
CA LEU A 173 2.71 -12.73 -3.53
C LEU A 173 3.61 -13.09 -2.36
N TYR A 174 3.88 -12.09 -1.53
CA TYR A 174 4.54 -12.28 -0.25
C TYR A 174 3.59 -11.86 0.87
N SER A 175 3.68 -12.56 2.00
CA SER A 175 3.02 -12.14 3.22
CA SER A 175 3.02 -12.14 3.23
C SER A 175 4.06 -12.10 4.34
N TYR A 176 4.25 -10.94 4.94
CA TYR A 176 5.22 -10.77 6.02
C TYR A 176 4.48 -10.48 7.32
N HIS A 177 5.05 -10.97 8.43
CA HIS A 177 4.48 -10.71 9.74
C HIS A 177 5.59 -10.41 10.74
N ARG A 178 5.23 -9.70 11.80
CA ARG A 178 6.04 -9.66 13.00
C ARG A 178 5.14 -9.35 14.19
N SER A 179 5.69 -9.53 15.38
CA SER A 179 4.92 -9.37 16.61
C SER A 179 4.61 -7.91 16.92
#